data_5GHW
#
_entry.id   5GHW
#
_cell.length_a   66.633
_cell.length_b   81.231
_cell.length_c   254.216
_cell.angle_alpha   90.00
_cell.angle_beta   90.00
_cell.angle_gamma   90.00
#
_symmetry.space_group_name_H-M   'I 2 2 2'
#
loop_
_entity.id
_entity.type
_entity.pdbx_description
1 polymer 'FAB 10E8 HEAVY CHAIN'
2 polymer 'FAB 10E8 LIGHT CHAIN'
3 polymer 'Endogenous retrovirus group K member 8 Env polyprotein'
4 non-polymer 'PHOSPHATE ION'
5 water water
#
loop_
_entity_poly.entity_id
_entity_poly.type
_entity_poly.pdbx_seq_one_letter_code
_entity_poly.pdbx_strand_id
1 'polypeptide(L)'
;GGSEVQLVESGGGLVKPGGSLRLSCSASGFDFDNAWMTWVRQPPGKGLEWVGRITGPGEGWSVDYAAPVEGRFTISRLNS
INFLYLEMNNLRMEDSGLYFCARTGKYYDFWSGYPPGEEYFQDWGRGTLVTVSSASTKGPSVFPLAPSSKSTSGGTAALG
CLVKDYFPEPVTVSWNSGALTSGVHTFPAVLQSSGLYSLSSVVTVPSSSLGTQTYICNVNHKPSNTKVDKRVEPKSCDK
;
H
2 'polypeptide(L)'
;SYELTQETGVSVALGRTVTITCRGDSLRSHYASWYQKKPGQAPILLFYGKNNRPSGVPDRFSGSASGNRASLTISGAQAE
DDAEYYCSSRDKSGSRLSVFGGGTKLTVLSQPKAAPSVTLFPPSSEELQANKATLVCLISDFYPGAVTVAWKADSSPVKA
GVETTTPSKQSNNKYAASSYLSLTPEQWKSHRSYSCQVTHEGSTVEKTVAPTECSY
;
L
3 'polypeptide(L)' KKKKDKWASLWNWFNITNWLWYIKLFIMIVGKKKKK P
#
loop_
_chem_comp.id
_chem_comp.type
_chem_comp.name
_chem_comp.formula
PO4 non-polymer 'PHOSPHATE ION' 'O4 P -3'
#
# COMPACT_ATOMS: atom_id res chain seq x y z
N GLU A 4 24.27 -17.25 -9.67
CA GLU A 4 24.76 -17.33 -8.26
C GLU A 4 24.80 -15.96 -7.59
N VAL A 5 23.73 -15.19 -7.73
CA VAL A 5 23.75 -13.80 -7.27
C VAL A 5 22.98 -13.70 -5.96
N GLN A 6 23.64 -13.15 -4.95
CA GLN A 6 23.16 -13.20 -3.57
C GLN A 6 23.19 -11.80 -2.97
N LEU A 7 22.04 -11.27 -2.62
CA LEU A 7 21.92 -9.96 -1.99
C LEU A 7 21.31 -10.10 -0.59
N VAL A 8 22.01 -9.62 0.44
CA VAL A 8 21.56 -9.79 1.81
C VAL A 8 21.60 -8.49 2.60
N GLU A 9 20.42 -7.93 2.85
CA GLU A 9 20.30 -6.71 3.65
C GLU A 9 20.29 -7.05 5.14
N SER A 10 20.74 -6.09 5.96
CA SER A 10 20.83 -6.25 7.40
CA SER A 10 20.87 -6.25 7.40
C SER A 10 20.70 -4.90 8.10
N GLY A 11 20.40 -4.95 9.40
CA GLY A 11 20.31 -3.74 10.23
C GLY A 11 18.92 -3.24 10.64
N GLY A 12 17.86 -3.95 10.27
CA GLY A 12 16.49 -3.55 10.65
C GLY A 12 16.16 -3.81 12.13
N GLY A 13 15.28 -2.97 12.70
CA GLY A 13 14.90 -3.03 14.13
C GLY A 13 14.03 -1.87 14.60
N LEU A 14 13.47 -1.97 15.80
CA LEU A 14 12.68 -0.87 16.40
C LEU A 14 13.55 0.35 16.70
N VAL A 15 13.06 1.53 16.27
CA VAL A 15 13.71 2.84 16.51
C VAL A 15 12.69 3.89 16.96
N LYS A 16 13.09 4.78 17.85
CA LYS A 16 12.25 5.91 18.26
C LYS A 16 12.17 6.91 17.09
N PRO A 17 11.01 7.58 16.88
CA PRO A 17 10.81 8.47 15.72
C PRO A 17 11.55 9.83 15.74
N GLY A 18 12.74 9.88 16.32
CA GLY A 18 13.67 10.98 16.05
C GLY A 18 15.05 10.45 15.70
N GLY A 19 15.16 9.12 15.62
CA GLY A 19 16.45 8.45 15.66
C GLY A 19 17.03 8.05 14.33
N SER A 20 18.17 7.37 14.43
CA SER A 20 18.98 7.02 13.28
C SER A 20 19.14 5.52 13.20
N LEU A 21 19.52 5.06 12.02
CA LEU A 21 19.68 3.64 11.76
C LEU A 21 20.57 3.49 10.53
N ARG A 22 21.55 2.59 10.60
CA ARG A 22 22.36 2.29 9.42
C ARG A 22 22.01 0.91 8.91
N LEU A 23 21.67 0.82 7.62
CA LEU A 23 21.41 -0.47 6.98
C LEU A 23 22.56 -0.88 6.05
N SER A 24 22.74 -2.19 5.89
CA SER A 24 23.85 -2.78 5.14
C SER A 24 23.36 -3.83 4.12
N CYS A 25 23.95 -3.82 2.93
CA CYS A 25 23.58 -4.79 1.89
C CYS A 25 24.83 -5.48 1.38
N SER A 26 24.95 -6.77 1.67
CA SER A 26 26.09 -7.57 1.25
C SER A 26 25.83 -8.09 -0.15
N ALA A 27 26.87 -8.15 -0.98
CA ALA A 27 26.70 -8.55 -2.38
C ALA A 27 27.74 -9.59 -2.81
N SER A 28 27.28 -10.57 -3.59
CA SER A 28 28.18 -11.59 -4.15
C SER A 28 27.53 -12.25 -5.37
N GLY A 29 28.37 -12.64 -6.34
CA GLY A 29 27.91 -13.27 -7.59
C GLY A 29 27.89 -12.35 -8.80
N PHE A 30 28.45 -11.14 -8.69
CA PHE A 30 28.52 -10.21 -9.82
C PHE A 30 29.57 -9.12 -9.62
N ASP A 31 29.89 -8.42 -10.70
CA ASP A 31 30.88 -7.35 -10.64
C ASP A 31 30.33 -6.16 -9.84
N PHE A 32 30.51 -6.20 -8.52
CA PHE A 32 29.95 -5.17 -7.65
C PHE A 32 30.58 -3.80 -7.82
N ASP A 33 31.90 -3.77 -8.04
CA ASP A 33 32.62 -2.51 -8.04
C ASP A 33 32.08 -1.54 -9.09
N ASN A 34 31.62 -2.09 -10.23
CA ASN A 34 31.07 -1.26 -11.32
C ASN A 34 29.52 -1.17 -11.32
N ALA A 35 28.85 -2.01 -10.52
CA ALA A 35 27.39 -2.04 -10.47
C ALA A 35 26.76 -0.83 -9.78
N TRP A 36 25.67 -0.33 -10.36
CA TRP A 36 24.81 0.65 -9.71
C TRP A 36 23.89 -0.04 -8.70
N MET A 37 23.70 0.55 -7.52
CA MET A 37 22.79 -0.05 -6.51
C MET A 37 21.71 0.91 -6.03
N THR A 38 20.50 0.38 -5.90
CA THR A 38 19.31 1.13 -5.47
C THR A 38 18.76 0.53 -4.18
N TRP A 39 18.23 1.40 -3.31
CA TRP A 39 17.47 0.98 -2.12
C TRP A 39 15.96 1.17 -2.36
N VAL A 40 15.15 0.21 -1.92
CA VAL A 40 13.69 0.23 -2.12
C VAL A 40 12.98 -0.20 -0.83
N ARG A 41 11.88 0.47 -0.50
CA ARG A 41 11.13 0.11 0.71
C ARG A 41 9.65 -0.16 0.44
N GLN A 42 9.06 -0.94 1.33
CA GLN A 42 7.65 -1.30 1.26
C GLN A 42 7.08 -1.34 2.67
N PRO A 43 6.20 -0.39 3.01
CA PRO A 43 5.48 -0.54 4.29
C PRO A 43 4.62 -1.82 4.30
N PRO A 44 4.43 -2.45 5.47
CA PRO A 44 3.60 -3.67 5.45
C PRO A 44 2.22 -3.43 4.84
N GLY A 45 1.81 -4.33 3.97
CA GLY A 45 0.51 -4.25 3.30
C GLY A 45 0.37 -3.12 2.29
N LYS A 46 1.48 -2.59 1.78
CA LYS A 46 1.47 -1.42 0.88
C LYS A 46 2.52 -1.52 -0.21
N GLY A 47 2.69 -0.44 -0.98
CA GLY A 47 3.42 -0.48 -2.24
C GLY A 47 4.93 -0.40 -2.08
N LEU A 48 5.63 -0.50 -3.21
CA LEU A 48 7.08 -0.31 -3.24
C LEU A 48 7.36 1.17 -3.42
N GLU A 49 8.41 1.66 -2.79
CA GLU A 49 8.82 3.05 -2.96
C GLU A 49 10.31 3.12 -3.17
N TRP A 50 10.69 3.79 -4.25
CA TRP A 50 12.07 4.05 -4.59
C TRP A 50 12.64 5.00 -3.52
N VAL A 51 13.74 4.61 -2.89
CA VAL A 51 14.41 5.42 -1.86
C VAL A 51 15.59 6.24 -2.43
N GLY A 52 16.56 5.55 -3.04
CA GLY A 52 17.69 6.24 -3.66
C GLY A 52 18.64 5.28 -4.35
N ARG A 53 19.64 5.83 -5.04
CA ARG A 53 20.54 5.06 -5.92
C ARG A 53 21.94 5.66 -6.03
N ILE A 54 22.95 4.82 -5.83
CA ILE A 54 24.33 5.23 -6.03
C ILE A 54 24.85 4.68 -7.35
N THR A 55 25.49 5.56 -8.12
CA THR A 55 26.02 5.23 -9.45
C THR A 55 27.40 4.55 -9.33
N GLY A 56 28.12 4.43 -10.44
CA GLY A 56 29.42 3.73 -10.47
C GLY A 56 30.62 4.65 -10.66
N PRO A 57 31.81 4.07 -10.92
CA PRO A 57 32.96 4.89 -11.26
C PRO A 57 32.78 5.38 -12.68
N GLY A 58 33.05 6.64 -12.95
CA GLY A 58 32.71 7.19 -14.26
C GLY A 58 31.41 7.97 -14.22
N GLU A 59 30.60 7.71 -13.21
CA GLU A 59 29.60 8.67 -12.76
C GLU A 59 30.10 9.39 -11.50
N GLY A 60 31.22 8.93 -10.96
CA GLY A 60 31.82 9.54 -9.78
C GLY A 60 31.04 9.21 -8.54
N TRP A 61 30.40 8.03 -8.56
CA TRP A 61 29.52 7.55 -7.49
C TRP A 61 28.45 8.55 -7.07
N SER A 62 27.92 9.31 -8.02
CA SER A 62 26.90 10.32 -7.73
C SER A 62 25.63 9.61 -7.22
N VAL A 63 24.94 10.26 -6.29
CA VAL A 63 23.82 9.64 -5.58
C VAL A 63 22.56 10.48 -5.73
N ASP A 64 21.43 9.81 -5.98
CA ASP A 64 20.12 10.47 -6.02
C ASP A 64 19.11 9.90 -4.97
N TYR A 65 18.18 10.76 -4.56
CA TYR A 65 17.30 10.49 -3.44
C TYR A 65 15.90 10.98 -3.78
N ALA A 66 14.89 10.16 -3.42
CA ALA A 66 13.48 10.59 -3.49
C ALA A 66 13.26 11.73 -2.50
N ALA A 67 12.35 12.64 -2.84
CA ALA A 67 12.20 13.91 -2.10
C ALA A 67 11.90 13.74 -0.61
N PRO A 68 11.08 12.74 -0.24
CA PRO A 68 10.79 12.47 1.19
C PRO A 68 12.00 12.11 2.07
N VAL A 69 13.19 11.88 1.49
CA VAL A 69 14.35 11.49 2.27
C VAL A 69 15.59 12.35 2.05
N GLU A 70 15.53 13.31 1.13
CA GLU A 70 16.64 14.25 0.92
C GLU A 70 17.16 14.78 2.25
N GLY A 71 18.46 14.68 2.47
CA GLY A 71 19.10 15.30 3.64
C GLY A 71 19.06 14.46 4.91
N ARG A 72 18.11 13.53 4.98
CA ARG A 72 17.93 12.68 6.15
C ARG A 72 18.59 11.34 5.92
N PHE A 73 18.65 10.94 4.66
CA PHE A 73 19.13 9.64 4.27
C PHE A 73 20.43 9.84 3.48
N THR A 74 21.39 8.94 3.67
CA THR A 74 22.67 9.00 2.97
C THR A 74 23.04 7.59 2.48
N ILE A 75 23.11 7.42 1.16
CA ILE A 75 23.55 6.15 0.57
C ILE A 75 25.07 6.14 0.40
N SER A 76 25.70 5.02 0.75
CA SER A 76 27.16 4.86 0.62
C SER A 76 27.53 3.39 0.35
N ARG A 77 28.83 3.13 0.14
CA ARG A 77 29.32 1.82 -0.28
C ARG A 77 30.81 1.63 0.00
N LEU A 78 31.21 0.37 0.18
CA LEU A 78 32.63 -0.02 0.29
C LEU A 78 32.89 -1.27 -0.56
N ASN A 79 33.68 -1.10 -1.62
CA ASN A 79 33.73 -2.06 -2.73
C ASN A 79 34.65 -3.27 -2.55
N SER A 80 35.63 -3.19 -1.65
CA SER A 80 36.54 -4.33 -1.47
C SER A 80 35.83 -5.54 -0.83
N ILE A 81 34.82 -5.25 -0.01
CA ILE A 81 34.04 -6.29 0.69
C ILE A 81 32.63 -6.45 0.13
N ASN A 82 32.33 -5.71 -0.93
CA ASN A 82 31.01 -5.73 -1.58
C ASN A 82 29.86 -5.47 -0.61
N PHE A 83 29.87 -4.29 0.01
CA PHE A 83 28.84 -3.91 0.96
C PHE A 83 28.26 -2.55 0.58
N LEU A 84 26.95 -2.51 0.34
CA LEU A 84 26.21 -1.26 0.17
C LEU A 84 25.58 -0.83 1.51
N TYR A 85 25.42 0.48 1.70
CA TYR A 85 25.00 1.02 2.99
C TYR A 85 23.89 2.08 2.87
N LEU A 86 23.06 2.19 3.91
CA LEU A 86 22.05 3.24 4.01
C LEU A 86 21.88 3.80 5.43
N GLU A 87 22.33 5.04 5.62
CA GLU A 87 22.27 5.75 6.89
C GLU A 87 21.05 6.66 6.86
N MET A 88 20.13 6.41 7.77
CA MET A 88 18.92 7.20 7.89
C MET A 88 18.99 7.90 9.24
N ASN A 89 18.75 9.20 9.23
CA ASN A 89 18.65 9.99 10.46
C ASN A 89 17.27 10.62 10.55
N ASN A 90 16.91 11.04 11.77
CA ASN A 90 15.66 11.77 12.00
C ASN A 90 14.49 11.01 11.38
N LEU A 91 14.39 9.74 11.75
CA LEU A 91 13.40 8.85 11.16
C LEU A 91 11.98 9.31 11.47
N ARG A 92 11.04 8.89 10.64
CA ARG A 92 9.62 9.17 10.85
C ARG A 92 8.86 7.87 10.79
N MET A 93 7.59 7.92 11.17
CA MET A 93 6.76 6.74 11.10
C MET A 93 6.56 6.38 9.61
N GLU A 94 6.59 7.39 8.74
CA GLU A 94 6.48 7.14 7.29
C GLU A 94 7.61 6.26 6.74
N ASP A 95 8.74 6.24 7.44
CA ASP A 95 9.92 5.55 6.96
C ASP A 95 9.87 4.08 7.34
N SER A 96 8.84 3.67 8.06
CA SER A 96 8.73 2.29 8.49
C SER A 96 8.48 1.40 7.27
N GLY A 97 9.16 0.24 7.22
CA GLY A 97 8.94 -0.71 6.12
C GLY A 97 10.00 -1.77 5.91
N LEU A 98 9.76 -2.62 4.92
CA LEU A 98 10.73 -3.62 4.48
C LEU A 98 11.64 -2.99 3.41
N TYR A 99 12.93 -2.82 3.77
CA TYR A 99 13.91 -2.15 2.90
C TYR A 99 14.72 -3.18 2.13
N PHE A 100 14.73 -3.03 0.80
CA PHE A 100 15.48 -3.91 -0.12
C PHE A 100 16.61 -3.15 -0.81
N CYS A 101 17.71 -3.85 -1.05
CA CYS A 101 18.77 -3.35 -1.91
C CYS A 101 18.64 -4.11 -3.22
N ALA A 102 18.80 -3.40 -4.33
CA ALA A 102 18.66 -3.99 -5.67
C ALA A 102 19.82 -3.64 -6.59
N ARG A 103 20.37 -4.69 -7.20
CA ARG A 103 21.29 -4.54 -8.31
C ARG A 103 20.54 -3.94 -9.50
N THR A 104 21.06 -2.84 -10.01
CA THR A 104 20.34 -1.95 -10.89
C THR A 104 21.05 -1.80 -12.24
N GLY A 105 20.46 -2.36 -13.29
CA GLY A 105 20.95 -2.15 -14.65
C GLY A 105 20.53 -0.80 -15.21
N LYS A 106 21.19 -0.38 -16.28
CA LYS A 106 20.87 0.87 -16.97
C LYS A 106 20.51 0.60 -18.42
N TYR A 107 19.47 1.28 -18.92
CA TYR A 107 18.96 1.05 -20.25
C TYR A 107 18.78 2.35 -21.01
N TYR A 108 19.21 2.35 -22.27
CA TYR A 108 18.98 3.48 -23.18
C TYR A 108 18.94 2.98 -24.62
N ASP A 109 17.82 3.20 -25.28
CA ASP A 109 17.63 2.82 -26.68
C ASP A 109 17.98 4.01 -27.56
N PHE A 110 19.04 3.88 -28.34
CA PHE A 110 19.55 5.01 -29.08
C PHE A 110 18.44 5.76 -29.84
N TRP A 111 17.67 5.00 -30.61
CA TRP A 111 16.68 5.53 -31.58
C TRP A 111 15.41 6.11 -30.97
N SER A 112 14.95 5.52 -29.87
CA SER A 112 13.70 5.91 -29.25
C SER A 112 13.87 6.49 -27.85
N GLY A 113 15.09 6.48 -27.34
CA GLY A 113 15.31 6.83 -25.94
C GLY A 113 15.42 8.32 -25.73
N TYR A 114 15.46 8.70 -24.46
CA TYR A 114 15.57 10.09 -24.05
C TYR A 114 16.43 10.09 -22.80
N PRO A 115 17.35 11.06 -22.65
CA PRO A 115 18.28 10.93 -21.51
C PRO A 115 17.59 11.12 -20.17
N PRO A 116 18.05 10.45 -19.11
CA PRO A 116 19.18 9.51 -19.13
C PRO A 116 18.71 8.04 -19.19
N GLY A 117 17.78 7.75 -20.10
CA GLY A 117 17.22 6.42 -20.24
C GLY A 117 16.46 6.01 -19.00
N GLU A 118 16.46 4.72 -18.68
CA GLU A 118 15.85 4.27 -17.43
C GLU A 118 16.67 3.20 -16.72
N GLU A 119 16.43 3.04 -15.42
CA GLU A 119 17.10 2.03 -14.61
C GLU A 119 16.12 0.96 -14.15
N TYR A 120 16.63 -0.23 -13.88
CA TYR A 120 15.79 -1.37 -13.54
C TYR A 120 16.49 -2.31 -12.60
N PHE A 121 15.70 -3.09 -11.89
CA PHE A 121 16.18 -3.81 -10.72
C PHE A 121 16.21 -5.29 -10.98
N GLN A 122 17.39 -5.75 -11.34
CA GLN A 122 17.55 -7.10 -11.88
C GLN A 122 17.67 -8.15 -10.78
N ASP A 123 18.29 -7.79 -9.66
CA ASP A 123 18.41 -8.70 -8.54
C ASP A 123 18.05 -7.96 -7.26
N TRP A 124 17.52 -8.71 -6.31
CA TRP A 124 16.96 -8.18 -5.07
C TRP A 124 17.35 -9.07 -3.91
N GLY A 125 17.50 -8.49 -2.72
CA GLY A 125 17.58 -9.28 -1.49
C GLY A 125 16.19 -9.47 -0.94
N ARG A 126 16.06 -10.20 0.17
CA ARG A 126 14.74 -10.44 0.79
C ARG A 126 14.35 -9.32 1.76
N GLY A 127 15.29 -8.43 2.05
CA GLY A 127 14.99 -7.16 2.71
C GLY A 127 15.19 -7.26 4.19
N THR A 128 15.23 -6.12 4.87
CA THR A 128 15.33 -6.11 6.33
C THR A 128 14.32 -5.09 6.93
N LEU A 129 13.69 -5.51 8.02
CA LEU A 129 12.45 -4.88 8.52
C LEU A 129 12.72 -3.71 9.46
N VAL A 130 12.21 -2.53 9.08
CA VAL A 130 12.41 -1.29 9.85
C VAL A 130 11.09 -0.76 10.42
N THR A 131 11.00 -0.72 11.75
CA THR A 131 9.80 -0.30 12.48
C THR A 131 10.07 1.00 13.24
N VAL A 132 9.66 2.14 12.67
CA VAL A 132 9.73 3.44 13.38
C VAL A 132 8.43 3.77 14.15
N SER A 133 8.37 3.44 15.43
CA SER A 133 7.26 3.84 16.30
C SER A 133 7.76 4.26 17.68
N SER A 134 7.18 5.35 18.18
CA SER A 134 7.42 5.80 19.57
C SER A 134 6.59 4.91 20.47
N ALA A 135 7.14 3.72 20.75
CA ALA A 135 6.39 2.67 21.42
C ALA A 135 6.11 3.11 22.86
N SER A 136 4.85 3.46 23.12
CA SER A 136 4.29 3.67 24.44
C SER A 136 2.97 2.92 24.44
N THR A 137 2.79 1.98 25.36
CA THR A 137 1.51 1.33 25.55
C THR A 137 0.35 2.31 25.64
N LYS A 138 -0.70 2.09 24.85
CA LYS A 138 -1.87 2.96 24.86
C LYS A 138 -3.15 2.10 24.87
N GLY A 139 -3.98 2.32 25.87
CA GLY A 139 -5.20 1.59 26.01
C GLY A 139 -6.22 2.23 25.11
N PRO A 140 -7.26 1.47 24.66
CA PRO A 140 -8.23 1.97 23.67
C PRO A 140 -9.33 2.83 24.25
N SER A 141 -9.88 3.70 23.45
CA SER A 141 -11.18 4.28 23.73
C SER A 141 -12.23 3.54 22.93
N VAL A 142 -13.29 3.12 23.59
CA VAL A 142 -14.34 2.29 22.99
C VAL A 142 -15.60 3.11 22.89
N PHE A 143 -16.17 3.21 21.68
CA PHE A 143 -17.42 3.94 21.49
C PHE A 143 -18.45 3.03 20.84
N PRO A 144 -19.72 3.17 21.25
CA PRO A 144 -20.73 2.32 20.66
C PRO A 144 -21.09 2.82 19.27
N LEU A 145 -21.32 1.84 18.40
CA LEU A 145 -21.84 2.03 17.07
C LEU A 145 -23.29 1.58 17.08
N ALA A 146 -24.19 2.55 17.15
CA ALA A 146 -25.58 2.29 17.43
C ALA A 146 -26.26 1.54 16.30
N PRO A 147 -27.28 0.73 16.59
CA PRO A 147 -27.91 -0.14 15.57
C PRO A 147 -28.49 0.61 14.40
N SER A 148 -28.16 0.15 13.21
CA SER A 148 -28.80 0.59 11.97
C SER A 148 -29.24 -0.63 11.17
N SER A 149 -30.47 -0.61 10.65
CA SER A 149 -31.01 -1.60 9.71
C SER A 149 -30.80 -1.30 8.21
N LYS A 150 -30.17 -0.19 7.84
CA LYS A 150 -30.11 0.16 6.40
C LYS A 150 -29.40 -0.90 5.56
N SER A 151 -28.28 -1.38 6.03
CA SER A 151 -27.40 -2.20 5.23
C SER A 151 -27.62 -3.73 5.38
N THR A 152 -28.51 -4.11 6.29
CA THR A 152 -28.63 -5.48 6.69
C THR A 152 -29.89 -6.10 6.12
N SER A 153 -29.93 -7.41 6.22
CA SER A 153 -31.03 -8.21 5.78
C SER A 153 -32.34 -7.91 6.50
N GLY A 154 -33.47 -8.23 5.87
CA GLY A 154 -34.79 -7.99 6.45
C GLY A 154 -34.89 -8.47 7.89
N GLY A 155 -35.55 -7.68 8.72
CA GLY A 155 -35.74 -8.01 10.11
C GLY A 155 -34.50 -7.93 11.00
N THR A 156 -33.32 -7.57 10.49
CA THR A 156 -32.10 -7.55 11.30
C THR A 156 -31.46 -6.17 11.43
N ALA A 157 -30.48 -6.03 12.31
CA ALA A 157 -29.82 -4.73 12.48
C ALA A 157 -28.36 -4.94 12.82
N ALA A 158 -27.51 -4.06 12.35
CA ALA A 158 -26.11 -4.12 12.69
C ALA A 158 -25.75 -3.04 13.72
N LEU A 159 -24.99 -3.42 14.73
CA LEU A 159 -24.56 -2.52 15.80
C LEU A 159 -23.16 -2.92 16.15
N GLY A 160 -22.44 -2.03 16.76
CA GLY A 160 -21.01 -2.27 16.92
C GLY A 160 -20.34 -1.54 18.04
N CYS A 161 -19.04 -1.78 18.14
CA CYS A 161 -18.13 -0.99 18.95
C CYS A 161 -16.92 -0.65 18.12
N LEU A 162 -16.57 0.63 18.13
CA LEU A 162 -15.34 1.16 17.57
C LEU A 162 -14.26 1.18 18.69
N VAL A 163 -13.11 0.62 18.38
CA VAL A 163 -12.05 0.44 19.35
C VAL A 163 -10.85 1.22 18.87
N LYS A 164 -10.68 2.38 19.48
CA LYS A 164 -9.94 3.46 18.90
C LYS A 164 -8.58 3.71 19.58
N ASP A 165 -7.52 3.84 18.77
CA ASP A 165 -6.24 4.38 19.19
C ASP A 165 -5.59 3.59 20.33
N TYR A 166 -5.28 2.34 20.07
CA TYR A 166 -4.59 1.54 21.03
C TYR A 166 -3.21 1.14 20.51
N PHE A 167 -2.35 0.68 21.40
CA PHE A 167 -1.04 0.21 20.99
C PHE A 167 -0.40 -0.62 22.11
N PRO A 168 0.25 -1.74 21.81
CA PRO A 168 0.30 -2.43 20.54
C PRO A 168 -0.87 -3.38 20.35
N GLU A 169 -0.83 -4.19 19.28
CA GLU A 169 -1.76 -5.30 19.13
C GLU A 169 -1.50 -6.29 20.25
N PRO A 170 -2.49 -7.08 20.66
CA PRO A 170 -3.82 -7.12 20.03
C PRO A 170 -4.88 -6.65 20.99
N VAL A 171 -6.09 -6.48 20.50
CA VAL A 171 -7.24 -6.43 21.36
C VAL A 171 -8.11 -7.61 20.98
N THR A 172 -8.82 -8.19 21.95
CA THR A 172 -9.87 -9.16 21.69
C THR A 172 -11.24 -8.51 21.91
N VAL A 173 -12.24 -8.88 21.10
CA VAL A 173 -13.63 -8.41 21.34
C VAL A 173 -14.58 -9.60 21.39
N SER A 174 -15.40 -9.66 22.44
CA SER A 174 -16.50 -10.61 22.55
C SER A 174 -17.76 -9.81 22.73
N TRP A 175 -18.90 -10.51 22.71
CA TRP A 175 -20.21 -9.88 22.86
C TRP A 175 -21.01 -10.56 23.94
N ASN A 176 -21.62 -9.77 24.84
CA ASN A 176 -22.37 -10.28 25.94
C ASN A 176 -21.62 -11.40 26.66
N SER A 177 -20.33 -11.18 26.93
CA SER A 177 -19.47 -12.10 27.67
C SER A 177 -19.28 -13.44 26.98
N GLY A 178 -19.32 -13.42 25.67
CA GLY A 178 -19.17 -14.59 24.86
C GLY A 178 -20.45 -15.39 24.70
N ALA A 179 -21.58 -14.91 25.20
CA ALA A 179 -22.82 -15.66 24.96
C ALA A 179 -23.32 -15.41 23.53
N LEU A 180 -22.84 -14.37 22.88
CA LEU A 180 -23.26 -14.03 21.52
C LEU A 180 -22.11 -14.16 20.55
N THR A 181 -22.16 -15.21 19.72
CA THR A 181 -21.09 -15.55 18.77
C THR A 181 -21.61 -15.43 17.34
N SER A 182 -22.89 -15.72 17.19
CA SER A 182 -23.50 -15.77 15.91
C SER A 182 -23.69 -14.36 15.33
N GLY A 183 -23.09 -14.12 14.16
CA GLY A 183 -23.28 -12.89 13.41
C GLY A 183 -22.28 -11.80 13.75
N VAL A 184 -21.19 -12.16 14.43
CA VAL A 184 -20.14 -11.23 14.82
C VAL A 184 -19.09 -11.12 13.75
N HIS A 185 -18.74 -9.90 13.38
CA HIS A 185 -17.64 -9.70 12.47
C HIS A 185 -16.74 -8.72 13.16
N THR A 186 -15.56 -9.17 13.59
CA THR A 186 -14.56 -8.29 14.15
C THR A 186 -13.49 -8.02 13.12
N PHE A 187 -13.40 -6.78 12.67
CA PHE A 187 -12.56 -6.46 11.53
C PHE A 187 -11.09 -6.32 11.90
N PRO A 188 -10.16 -6.70 11.01
CA PRO A 188 -8.74 -6.44 11.25
C PRO A 188 -8.48 -4.97 11.49
N ALA A 189 -7.43 -4.67 12.26
CA ALA A 189 -7.17 -3.29 12.66
C ALA A 189 -6.57 -2.52 11.54
N VAL A 190 -6.84 -1.22 11.51
CA VAL A 190 -6.02 -0.34 10.73
C VAL A 190 -4.83 0.15 11.59
N LEU A 191 -3.64 0.24 11.00
CA LEU A 191 -2.53 0.97 11.58
C LEU A 191 -2.51 2.41 11.07
N GLN A 192 -2.80 3.38 11.92
CA GLN A 192 -2.96 4.76 11.47
C GLN A 192 -1.60 5.41 11.31
N SER A 193 -1.54 6.53 10.61
CA SER A 193 -0.26 7.22 10.42
C SER A 193 0.33 7.73 11.73
N SER A 194 -0.54 7.93 12.72
CA SER A 194 -0.11 8.27 14.08
C SER A 194 0.64 7.13 14.79
N GLY A 195 0.70 5.95 14.18
CA GLY A 195 1.35 4.79 14.77
C GLY A 195 0.46 3.96 15.67
N LEU A 196 -0.81 4.35 15.82
CA LEU A 196 -1.76 3.66 16.71
C LEU A 196 -2.77 2.89 15.91
N TYR A 197 -3.30 1.85 16.54
CA TYR A 197 -4.27 1.03 15.90
C TYR A 197 -5.71 1.42 16.22
N SER A 198 -6.63 1.16 15.29
CA SER A 198 -8.05 1.14 15.65
C SER A 198 -8.70 -0.06 14.97
N LEU A 199 -9.75 -0.60 15.55
CA LEU A 199 -10.58 -1.59 14.87
C LEU A 199 -12.07 -1.42 15.22
N SER A 200 -12.93 -2.17 14.52
CA SER A 200 -14.30 -2.24 14.83
C SER A 200 -14.79 -3.67 14.87
N SER A 201 -15.80 -3.90 15.71
CA SER A 201 -16.51 -5.20 15.78
C SER A 201 -17.97 -4.91 15.67
N VAL A 202 -18.68 -5.68 14.85
CA VAL A 202 -20.11 -5.48 14.65
C VAL A 202 -20.83 -6.80 14.76
N VAL A 203 -22.05 -6.74 15.25
CA VAL A 203 -22.90 -7.92 15.30
C VAL A 203 -24.25 -7.60 14.62
N THR A 204 -24.77 -8.56 13.87
CA THR A 204 -26.08 -8.37 13.20
C THR A 204 -27.07 -9.16 13.99
N VAL A 205 -28.16 -8.54 14.44
CA VAL A 205 -29.13 -9.15 15.36
C VAL A 205 -30.57 -8.87 14.95
N PRO A 206 -31.54 -9.65 15.47
CA PRO A 206 -32.95 -9.40 15.17
C PRO A 206 -33.39 -8.00 15.59
N SER A 207 -34.00 -7.26 14.68
CA SER A 207 -34.53 -5.92 14.95
C SER A 207 -35.51 -5.90 16.11
N SER A 208 -36.34 -6.93 16.24
CA SER A 208 -37.32 -6.98 17.32
C SER A 208 -36.71 -7.18 18.71
N SER A 209 -35.45 -7.58 18.77
CA SER A 209 -34.76 -7.75 20.04
C SER A 209 -34.24 -6.41 20.57
N LEU A 210 -34.28 -5.35 19.77
CA LEU A 210 -33.63 -4.07 20.16
C LEU A 210 -34.20 -3.42 21.40
N GLY A 211 -35.50 -3.54 21.60
CA GLY A 211 -36.11 -3.04 22.83
C GLY A 211 -35.87 -3.90 24.08
N THR A 212 -35.67 -5.20 23.92
CA THR A 212 -35.66 -6.13 25.05
C THR A 212 -34.29 -6.73 25.34
N GLN A 213 -33.40 -6.82 24.37
CA GLN A 213 -32.12 -7.50 24.59
C GLN A 213 -30.94 -6.52 24.67
N THR A 214 -30.24 -6.58 25.78
CA THR A 214 -29.08 -5.74 26.01
C THR A 214 -27.89 -6.32 25.25
N TYR A 215 -27.11 -5.43 24.63
CA TYR A 215 -25.92 -5.78 23.88
C TYR A 215 -24.73 -5.03 24.42
N ILE A 216 -23.70 -5.81 24.78
CA ILE A 216 -22.46 -5.29 25.39
C ILE A 216 -21.25 -5.91 24.68
N CYS A 217 -20.35 -5.05 24.23
CA CYS A 217 -19.11 -5.48 23.66
C CYS A 217 -18.03 -5.49 24.73
N ASN A 218 -17.34 -6.60 24.91
CA ASN A 218 -16.32 -6.72 25.96
C ASN A 218 -14.96 -6.61 25.27
N VAL A 219 -14.34 -5.45 25.40
CA VAL A 219 -13.08 -5.16 24.74
C VAL A 219 -11.92 -5.36 25.71
N ASN A 220 -10.87 -6.00 25.26
CA ASN A 220 -9.80 -6.35 26.15
C ASN A 220 -8.51 -6.02 25.51
N HIS A 221 -7.71 -5.24 26.20
CA HIS A 221 -6.42 -4.87 25.74
C HIS A 221 -5.39 -5.25 26.79
N LYS A 222 -4.88 -6.45 26.64
CA LYS A 222 -4.03 -7.02 27.65
C LYS A 222 -2.74 -6.18 27.80
N PRO A 223 -2.13 -5.74 26.70
CA PRO A 223 -0.89 -4.93 26.93
C PRO A 223 -1.02 -3.67 27.82
N SER A 224 -2.19 -3.01 27.89
CA SER A 224 -2.37 -1.89 28.78
C SER A 224 -3.17 -2.25 30.03
N ASN A 225 -3.46 -3.53 30.21
CA ASN A 225 -4.33 -4.03 31.25
C ASN A 225 -5.67 -3.33 31.39
N THR A 226 -6.32 -3.07 30.25
CA THR A 226 -7.57 -2.36 30.21
C THR A 226 -8.63 -3.30 29.72
N LYS A 227 -9.74 -3.39 30.45
CA LYS A 227 -10.96 -4.01 29.95
C LYS A 227 -12.10 -2.99 29.85
N VAL A 228 -12.90 -3.05 28.78
CA VAL A 228 -14.09 -2.18 28.67
C VAL A 228 -15.30 -2.97 28.27
N ASP A 229 -16.37 -2.87 29.06
CA ASP A 229 -17.72 -3.34 28.70
C ASP A 229 -18.64 -2.16 28.27
N LYS A 230 -18.83 -1.99 26.98
CA LYS A 230 -19.61 -0.88 26.44
C LYS A 230 -21.01 -1.32 26.06
N ARG A 231 -22.03 -0.84 26.77
CA ARG A 231 -23.43 -1.06 26.39
C ARG A 231 -23.73 -0.28 25.07
N VAL A 232 -24.39 -0.93 24.13
CA VAL A 232 -24.65 -0.32 22.83
C VAL A 232 -26.16 -0.20 22.66
N GLU A 233 -26.66 0.98 22.92
CA GLU A 233 -28.09 1.23 22.79
C GLU A 233 -28.49 1.84 21.46
N PRO A 234 -29.75 1.70 21.09
CA PRO A 234 -30.34 2.49 19.99
C PRO A 234 -30.29 3.97 20.32
N LYS A 235 -30.02 4.82 19.34
CA LYS A 235 -30.20 6.28 19.54
C LYS A 235 -31.67 6.57 19.85
N SER A 236 -31.94 7.55 20.72
CA SER A 236 -33.34 7.87 21.16
C SER A 236 -34.01 9.04 20.39
N TYR B 2 3.81 9.25 -7.10
CA TYR B 2 2.39 9.24 -7.56
C TYR B 2 2.23 9.66 -9.04
N GLU B 3 3.33 9.63 -9.78
CA GLU B 3 3.32 10.02 -11.19
C GLU B 3 3.03 8.81 -12.06
N LEU B 4 3.11 7.61 -11.49
CA LEU B 4 2.75 6.40 -12.21
C LEU B 4 1.49 5.78 -11.59
N THR B 5 0.42 5.74 -12.39
CA THR B 5 -0.88 5.16 -12.03
C THR B 5 -1.17 3.80 -12.74
N GLN B 6 -1.58 2.82 -11.91
CA GLN B 6 -1.86 1.45 -12.35
C GLN B 6 -3.22 1.08 -11.83
N GLU B 7 -3.88 0.13 -12.48
CA GLU B 7 -5.17 -0.31 -11.92
C GLU B 7 -4.92 -0.83 -10.49
N THR B 8 -5.86 -0.61 -9.60
CA THR B 8 -5.77 -1.14 -8.25
C THR B 8 -5.85 -2.69 -8.25
N GLY B 9 -6.79 -3.19 -9.03
CA GLY B 9 -7.00 -4.62 -9.20
C GLY B 9 -7.39 -4.90 -10.63
N VAL B 10 -7.00 -6.08 -11.09
CA VAL B 10 -7.43 -6.62 -12.35
C VAL B 10 -7.58 -8.12 -12.14
N SER B 11 -8.61 -8.73 -12.70
CA SER B 11 -8.73 -10.19 -12.58
C SER B 11 -8.65 -10.85 -13.95
N VAL B 12 -8.41 -12.16 -13.93
CA VAL B 12 -8.24 -12.93 -15.13
C VAL B 12 -8.61 -14.37 -14.83
N ALA B 13 -9.30 -15.03 -15.74
CA ALA B 13 -9.65 -16.43 -15.54
C ALA B 13 -8.44 -17.24 -15.88
N LEU B 14 -8.34 -18.42 -15.31
CA LEU B 14 -7.25 -19.31 -15.62
C LEU B 14 -7.19 -19.60 -17.16
N GLY B 15 -5.98 -19.49 -17.73
CA GLY B 15 -5.77 -19.72 -19.15
C GLY B 15 -6.03 -18.51 -20.04
N ARG B 16 -6.73 -17.49 -19.55
CA ARG B 16 -7.03 -16.32 -20.41
C ARG B 16 -5.91 -15.27 -20.42
N THR B 17 -6.14 -14.19 -21.15
CA THR B 17 -5.13 -13.16 -21.37
C THR B 17 -5.59 -11.85 -20.73
N VAL B 18 -4.66 -11.11 -20.19
CA VAL B 18 -4.98 -9.91 -19.43
C VAL B 18 -3.82 -8.93 -19.57
N THR B 19 -4.13 -7.65 -19.44
CA THR B 19 -3.14 -6.57 -19.58
C THR B 19 -3.32 -5.57 -18.45
N ILE B 20 -2.21 -5.20 -17.80
CA ILE B 20 -2.18 -4.19 -16.74
C ILE B 20 -1.60 -2.94 -17.35
N THR B 21 -2.00 -1.76 -16.88
CA THR B 21 -1.45 -0.53 -17.40
C THR B 21 -0.73 0.25 -16.34
N CYS B 22 0.24 1.00 -16.80
CA CYS B 22 0.98 1.95 -15.99
C CYS B 22 0.86 3.26 -16.76
N ARG B 23 0.65 4.38 -16.05
CA ARG B 23 0.38 5.68 -16.73
C ARG B 23 1.04 6.90 -16.10
N GLY B 24 1.75 7.69 -16.90
CA GLY B 24 2.34 8.94 -16.44
C GLY B 24 2.82 9.80 -17.61
N ASP B 25 3.20 11.03 -17.36
CA ASP B 25 3.68 11.89 -18.43
C ASP B 25 5.07 11.48 -18.91
N SER B 26 5.91 11.10 -17.95
CA SER B 26 7.25 10.54 -18.22
C SER B 26 7.27 9.33 -19.18
N LEU B 27 6.22 8.53 -19.19
CA LEU B 27 6.11 7.41 -20.13
C LEU B 27 6.07 7.82 -21.61
N ARG B 28 5.79 9.09 -21.89
CA ARG B 28 5.97 9.64 -23.25
C ARG B 28 7.44 9.70 -23.67
N SER B 29 8.32 9.78 -22.67
CA SER B 29 9.77 9.82 -22.88
C SER B 29 10.51 8.52 -22.50
N HIS B 30 10.01 7.79 -21.50
CA HIS B 30 10.74 6.66 -20.90
C HIS B 30 9.96 5.37 -20.79
N TYR B 31 10.66 4.26 -21.02
CA TYR B 31 10.11 2.93 -20.84
C TYR B 31 9.94 2.61 -19.37
N ALA B 32 9.11 1.62 -19.12
CA ALA B 32 8.91 1.14 -17.78
C ALA B 32 9.48 -0.29 -17.59
N SER B 33 9.91 -0.59 -16.37
CA SER B 33 10.18 -1.94 -15.98
C SER B 33 9.03 -2.42 -15.07
N TRP B 34 8.88 -3.74 -14.98
CA TRP B 34 7.72 -4.39 -14.38
C TRP B 34 8.17 -5.46 -13.43
N TYR B 35 7.49 -5.56 -12.29
CA TYR B 35 7.97 -6.38 -11.18
C TYR B 35 6.82 -7.17 -10.58
N GLN B 36 7.03 -8.46 -10.37
CA GLN B 36 6.08 -9.31 -9.65
C GLN B 36 6.45 -9.30 -8.19
N LYS B 37 5.44 -9.29 -7.33
CA LYS B 37 5.67 -9.24 -5.90
C LYS B 37 4.66 -10.06 -5.10
N LYS B 38 5.13 -11.14 -4.48
CA LYS B 38 4.30 -11.97 -3.62
C LYS B 38 4.67 -11.79 -2.16
N PRO B 39 3.69 -11.95 -1.26
CA PRO B 39 4.02 -11.76 0.18
C PRO B 39 5.20 -12.62 0.62
N GLY B 40 6.07 -12.02 1.43
CA GLY B 40 7.25 -12.70 1.95
C GLY B 40 8.31 -13.11 0.94
N GLN B 41 8.24 -12.59 -0.29
CA GLN B 41 9.24 -12.90 -1.32
C GLN B 41 9.74 -11.62 -1.98
N ALA B 42 10.95 -11.71 -2.53
CA ALA B 42 11.63 -10.61 -3.20
C ALA B 42 11.01 -10.32 -4.56
N PRO B 43 10.94 -9.03 -4.95
CA PRO B 43 10.38 -8.74 -6.26
C PRO B 43 11.14 -9.44 -7.39
N ILE B 44 10.46 -9.72 -8.49
CA ILE B 44 11.10 -10.37 -9.62
C ILE B 44 10.92 -9.48 -10.84
N LEU B 45 12.03 -9.16 -11.50
CA LEU B 45 11.96 -8.34 -12.69
C LEU B 45 11.38 -9.18 -13.81
N LEU B 46 10.29 -8.69 -14.41
CA LEU B 46 9.59 -9.38 -15.47
C LEU B 46 9.96 -8.91 -16.87
N PHE B 47 10.17 -7.61 -17.06
CA PHE B 47 10.29 -7.00 -18.39
C PHE B 47 10.75 -5.56 -18.25
N TYR B 48 11.55 -5.08 -19.20
CA TYR B 48 12.02 -3.70 -19.20
C TYR B 48 12.37 -3.18 -20.58
N GLY B 49 12.47 -1.86 -20.66
CA GLY B 49 12.75 -1.16 -21.90
C GLY B 49 11.81 -1.54 -23.02
N LYS B 50 12.30 -1.47 -24.25
CA LYS B 50 11.46 -1.64 -25.41
C LYS B 50 10.96 -3.09 -25.55
N ASN B 51 11.87 -4.06 -25.44
CA ASN B 51 11.57 -5.45 -25.78
C ASN B 51 12.26 -6.48 -24.90
N ASN B 52 12.69 -6.09 -23.71
CA ASN B 52 13.62 -6.94 -22.94
C ASN B 52 13.00 -7.77 -21.82
N ARG B 53 12.99 -9.08 -22.04
CA ARG B 53 12.60 -10.08 -21.06
C ARG B 53 13.85 -10.75 -20.50
N PRO B 54 14.08 -10.69 -19.19
CA PRO B 54 15.29 -11.33 -18.63
C PRO B 54 15.21 -12.84 -18.68
N SER B 55 16.38 -13.51 -18.73
CA SER B 55 16.46 -14.99 -18.63
C SER B 55 15.64 -15.46 -17.46
N GLY B 56 14.85 -16.51 -17.67
CA GLY B 56 14.11 -17.13 -16.58
C GLY B 56 12.66 -16.76 -16.49
N VAL B 57 12.27 -15.67 -17.16
CA VAL B 57 10.89 -15.17 -17.14
C VAL B 57 10.14 -15.80 -18.31
N PRO B 58 9.03 -16.50 -18.02
CA PRO B 58 8.22 -17.12 -19.08
C PRO B 58 7.77 -16.17 -20.20
N ASP B 59 7.71 -16.68 -21.42
CA ASP B 59 7.37 -15.88 -22.61
C ASP B 59 6.00 -15.25 -22.55
N ARG B 60 5.10 -15.83 -21.76
CA ARG B 60 3.76 -15.26 -21.63
C ARG B 60 3.76 -13.83 -21.06
N PHE B 61 4.87 -13.38 -20.50
CA PHE B 61 4.97 -12.00 -20.04
C PHE B 61 5.61 -11.17 -21.14
N SER B 62 4.96 -10.08 -21.52
CA SER B 62 5.56 -9.10 -22.41
C SER B 62 4.99 -7.71 -22.15
N GLY B 63 5.89 -6.75 -22.12
CA GLY B 63 5.53 -5.36 -21.95
C GLY B 63 5.39 -4.69 -23.31
N SER B 64 4.67 -3.56 -23.32
CA SER B 64 4.62 -2.70 -24.50
C SER B 64 4.44 -1.29 -24.01
N ALA B 65 4.33 -0.35 -24.94
CA ALA B 65 4.18 1.05 -24.58
C ALA B 65 3.61 1.84 -25.74
N SER B 66 2.89 2.90 -25.44
CA SER B 66 2.55 3.91 -26.45
C SER B 66 1.90 5.08 -25.75
N GLY B 67 2.25 6.28 -26.17
CA GLY B 67 1.72 7.48 -25.59
C GLY B 67 2.28 7.62 -24.18
N ASN B 68 1.36 7.71 -23.22
CA ASN B 68 1.76 7.82 -21.81
C ASN B 68 1.48 6.52 -21.05
N ARG B 69 1.43 5.42 -21.79
CA ARG B 69 1.02 4.16 -21.23
C ARG B 69 2.08 3.09 -21.42
N ALA B 70 2.25 2.25 -20.42
CA ALA B 70 3.02 1.02 -20.55
C ALA B 70 2.10 -0.09 -20.12
N SER B 71 2.09 -1.17 -20.88
CA SER B 71 1.20 -2.27 -20.62
C SER B 71 2.01 -3.52 -20.46
N LEU B 72 1.78 -4.25 -19.38
CA LEU B 72 2.28 -5.61 -19.24
C LEU B 72 1.14 -6.56 -19.59
N THR B 73 1.38 -7.44 -20.55
CA THR B 73 0.38 -8.41 -20.97
C THR B 73 0.82 -9.80 -20.55
N ILE B 74 -0.12 -10.56 -20.00
CA ILE B 74 0.15 -11.93 -19.61
C ILE B 74 -0.77 -12.80 -20.44
N SER B 75 -0.17 -13.69 -21.24
CA SER B 75 -0.90 -14.52 -22.16
C SER B 75 -0.95 -15.95 -21.70
N GLY B 76 -2.09 -16.41 -21.21
CA GLY B 76 -2.21 -17.78 -20.72
C GLY B 76 -2.00 -17.83 -19.22
N ALA B 77 -2.77 -17.01 -18.52
CA ALA B 77 -2.55 -16.76 -17.10
C ALA B 77 -2.54 -18.07 -16.30
N GLN B 78 -1.56 -18.23 -15.39
CA GLN B 78 -1.43 -19.43 -14.55
C GLN B 78 -1.76 -19.08 -13.12
N ALA B 79 -2.07 -20.09 -12.30
CA ALA B 79 -2.27 -19.89 -10.85
C ALA B 79 -1.14 -19.03 -10.26
N GLU B 80 0.11 -19.40 -10.54
CA GLU B 80 1.25 -18.70 -9.96
C GLU B 80 1.41 -17.22 -10.37
N ASP B 81 0.64 -16.75 -11.34
CA ASP B 81 0.74 -15.34 -11.73
C ASP B 81 -0.05 -14.42 -10.79
N ASP B 82 -0.88 -15.01 -9.93
CA ASP B 82 -1.63 -14.23 -8.96
C ASP B 82 -0.65 -13.53 -8.03
N ALA B 83 -0.59 -12.22 -8.09
CA ALA B 83 0.40 -11.45 -7.32
C ALA B 83 0.13 -9.96 -7.49
N GLU B 84 0.97 -9.14 -6.86
CA GLU B 84 0.91 -7.71 -7.08
C GLU B 84 1.95 -7.42 -8.14
N TYR B 85 1.65 -6.44 -8.97
CA TYR B 85 2.54 -6.04 -10.05
C TYR B 85 2.77 -4.55 -9.98
N TYR B 86 4.05 -4.19 -10.05
CA TYR B 86 4.50 -2.83 -9.95
C TYR B 86 5.21 -2.46 -11.21
N CYS B 87 4.89 -1.28 -11.75
CA CYS B 87 5.68 -0.64 -12.80
C CYS B 87 6.64 0.37 -12.19
N SER B 88 7.75 0.60 -12.88
CA SER B 88 8.73 1.58 -12.50
C SER B 88 9.33 2.28 -13.71
N SER B 89 9.52 3.61 -13.59
CA SER B 89 10.23 4.39 -14.58
C SER B 89 10.78 5.66 -13.93
N ARG B 90 11.10 6.67 -14.74
CA ARG B 90 11.41 8.02 -14.24
C ARG B 90 10.14 8.74 -13.80
N ASP B 91 10.19 9.43 -12.66
CA ASP B 91 9.05 10.26 -12.21
C ASP B 91 8.67 11.33 -13.25
N LYS B 92 9.69 11.91 -13.90
CA LYS B 92 9.51 12.99 -14.86
C LYS B 92 10.56 12.86 -15.94
N SER B 93 10.23 13.36 -17.12
CA SER B 93 11.14 13.36 -18.25
C SER B 93 12.47 14.02 -17.91
N GLY B 94 13.58 13.33 -18.20
CA GLY B 94 14.92 13.81 -17.93
C GLY B 94 15.43 13.60 -16.51
N SER B 95 14.62 12.99 -15.65
CA SER B 95 14.97 12.89 -14.24
C SER B 95 15.96 11.76 -14.01
N ARG B 96 16.86 11.96 -13.05
CA ARG B 96 17.76 10.91 -12.57
C ARG B 96 17.09 10.08 -11.47
N LEU B 97 15.93 10.51 -11.01
CA LEU B 97 15.19 9.75 -9.99
C LEU B 97 14.34 8.67 -10.64
N SER B 98 13.97 7.66 -9.85
CA SER B 98 13.01 6.62 -10.29
C SER B 98 11.83 6.56 -9.34
N VAL B 99 10.70 6.09 -9.85
CA VAL B 99 9.48 6.00 -9.07
C VAL B 99 8.77 4.67 -9.40
N PHE B 100 7.98 4.17 -8.44
CA PHE B 100 7.13 2.97 -8.63
C PHE B 100 5.67 3.38 -8.80
N GLY B 101 4.90 2.64 -9.58
CA GLY B 101 3.46 2.88 -9.59
C GLY B 101 2.86 2.34 -8.30
N GLY B 102 1.57 2.55 -8.10
CA GLY B 102 0.89 2.21 -6.85
C GLY B 102 0.69 0.72 -6.64
N GLY B 103 0.83 -0.05 -7.72
CA GLY B 103 0.68 -1.51 -7.66
C GLY B 103 -0.67 -1.92 -8.19
N THR B 104 -0.71 -3.08 -8.88
CA THR B 104 -1.95 -3.70 -9.29
C THR B 104 -2.02 -5.10 -8.65
N LYS B 105 -3.13 -5.40 -7.97
CA LYS B 105 -3.44 -6.73 -7.51
C LYS B 105 -4.01 -7.55 -8.67
N LEU B 106 -3.23 -8.51 -9.15
CA LEU B 106 -3.71 -9.40 -10.18
C LEU B 106 -4.34 -10.65 -9.56
N THR B 107 -5.63 -10.81 -9.75
CA THR B 107 -6.31 -11.98 -9.23
C THR B 107 -6.54 -12.99 -10.37
N VAL B 108 -5.95 -14.17 -10.23
CA VAL B 108 -6.34 -15.32 -11.04
C VAL B 108 -7.51 -15.95 -10.35
N LEU B 109 -8.68 -15.85 -10.96
CA LEU B 109 -9.97 -16.21 -10.34
C LEU B 109 -10.10 -17.66 -9.88
N SER B 110 -10.53 -17.83 -8.61
CA SER B 110 -10.73 -19.11 -7.93
C SER B 110 -12.16 -19.32 -7.48
N GLN B 111 -12.97 -18.29 -7.62
CA GLN B 111 -14.39 -18.39 -7.28
C GLN B 111 -15.10 -17.26 -8.00
N PRO B 112 -16.41 -17.26 -7.99
CA PRO B 112 -17.00 -16.17 -8.76
C PRO B 112 -16.84 -14.78 -8.09
N LYS B 113 -17.16 -13.73 -8.80
CA LYS B 113 -17.05 -12.39 -8.24
C LYS B 113 -18.09 -12.17 -7.13
N ALA B 114 -17.69 -11.51 -6.07
CA ALA B 114 -18.62 -11.23 -4.98
C ALA B 114 -18.57 -9.74 -4.69
N ALA B 115 -19.74 -9.10 -4.69
CA ALA B 115 -19.88 -7.69 -4.38
C ALA B 115 -19.82 -7.45 -2.87
N PRO B 116 -19.16 -6.37 -2.45
CA PRO B 116 -19.08 -6.00 -1.04
C PRO B 116 -20.40 -5.59 -0.40
N SER B 117 -20.64 -6.05 0.82
CA SER B 117 -21.53 -5.38 1.74
C SER B 117 -20.78 -4.18 2.35
N VAL B 118 -21.51 -3.09 2.55
CA VAL B 118 -20.99 -1.86 3.07
C VAL B 118 -21.91 -1.31 4.15
N THR B 119 -21.33 -1.09 5.33
CA THR B 119 -22.05 -0.48 6.42
C THR B 119 -21.32 0.80 6.81
N LEU B 120 -22.04 1.91 6.90
CA LEU B 120 -21.39 3.17 7.25
C LEU B 120 -21.97 3.65 8.60
N PHE B 121 -21.13 3.81 9.63
CA PHE B 121 -21.62 4.37 10.92
C PHE B 121 -21.20 5.81 11.11
N PRO B 122 -22.13 6.65 11.55
CA PRO B 122 -21.77 8.02 11.91
C PRO B 122 -21.03 8.03 13.28
N PRO B 123 -20.48 9.19 13.68
CA PRO B 123 -19.79 9.32 14.98
C PRO B 123 -20.80 9.12 16.08
N SER B 124 -20.45 8.43 17.16
CA SER B 124 -21.34 8.37 18.35
C SER B 124 -21.40 9.72 19.00
N SER B 125 -22.49 9.99 19.74
CA SER B 125 -22.56 11.13 20.63
C SER B 125 -21.46 11.10 21.64
N GLU B 126 -21.14 9.90 22.15
CA GLU B 126 -20.09 9.79 23.13
C GLU B 126 -18.76 10.31 22.59
N GLU B 127 -18.40 9.95 21.38
CA GLU B 127 -17.12 10.41 20.83
C GLU B 127 -17.15 11.92 20.62
N LEU B 128 -18.29 12.44 20.17
CA LEU B 128 -18.46 13.89 19.98
C LEU B 128 -18.25 14.61 21.29
N GLN B 129 -18.76 14.03 22.38
CA GLN B 129 -18.58 14.58 23.72
C GLN B 129 -17.12 14.55 24.15
N ALA B 130 -16.35 13.60 23.66
CA ALA B 130 -14.89 13.64 23.88
C ALA B 130 -14.15 14.49 22.85
N ASN B 131 -14.87 15.29 22.06
CA ASN B 131 -14.28 16.26 21.15
C ASN B 131 -13.54 15.64 19.96
N LYS B 132 -14.00 14.48 19.55
CA LYS B 132 -13.55 13.78 18.36
C LYS B 132 -14.75 13.29 17.51
N ALA B 133 -14.45 12.81 16.33
CA ALA B 133 -15.47 12.27 15.44
C ALA B 133 -14.84 11.35 14.42
N THR B 134 -15.31 10.11 14.38
CA THR B 134 -14.85 9.17 13.38
C THR B 134 -16.01 8.53 12.62
N LEU B 135 -15.94 8.53 11.31
CA LEU B 135 -16.88 7.80 10.50
C LEU B 135 -16.27 6.44 10.17
N VAL B 136 -17.09 5.39 10.22
CA VAL B 136 -16.60 4.05 10.07
C VAL B 136 -17.31 3.36 8.89
N CYS B 137 -16.55 3.01 7.87
CA CYS B 137 -17.08 2.42 6.68
C CYS B 137 -16.54 1.03 6.60
N LEU B 138 -17.41 0.07 6.88
CA LEU B 138 -17.04 -1.33 6.94
C LEU B 138 -17.44 -2.05 5.65
N ILE B 139 -16.52 -2.83 5.11
CA ILE B 139 -16.65 -3.37 3.74
C ILE B 139 -16.31 -4.85 3.81
N SER B 140 -17.20 -5.74 3.37
CA SER B 140 -16.98 -7.19 3.54
C SER B 140 -17.58 -8.04 2.46
N ASP B 141 -17.12 -9.29 2.43
CA ASP B 141 -17.66 -10.38 1.58
C ASP B 141 -17.47 -10.12 0.10
N PHE B 142 -16.31 -9.60 -0.27
CA PHE B 142 -16.10 -9.27 -1.66
C PHE B 142 -14.96 -10.10 -2.21
N TYR B 143 -14.96 -10.28 -3.52
CA TYR B 143 -13.92 -11.00 -4.21
C TYR B 143 -14.02 -10.51 -5.64
N PRO B 144 -12.92 -10.15 -6.30
CA PRO B 144 -11.56 -10.14 -5.79
C PRO B 144 -11.29 -9.12 -4.70
N GLY B 145 -10.11 -9.24 -4.09
CA GLY B 145 -9.77 -8.51 -2.87
C GLY B 145 -9.18 -7.13 -3.12
N ALA B 146 -9.76 -6.40 -4.07
CA ALA B 146 -9.27 -5.09 -4.46
C ALA B 146 -10.43 -4.09 -4.45
N VAL B 147 -10.38 -3.08 -3.59
CA VAL B 147 -11.40 -2.06 -3.56
C VAL B 147 -10.74 -0.70 -3.55
N THR B 148 -11.48 0.32 -3.94
CA THR B 148 -11.04 1.69 -3.83
C THR B 148 -12.07 2.39 -2.95
N VAL B 149 -11.63 3.16 -1.95
CA VAL B 149 -12.56 3.85 -1.06
C VAL B 149 -12.38 5.37 -1.19
N ALA B 150 -13.47 6.10 -1.40
CA ALA B 150 -13.42 7.57 -1.51
C ALA B 150 -14.46 8.18 -0.57
N TRP B 151 -14.07 9.26 0.10
CA TRP B 151 -14.95 9.96 1.03
C TRP B 151 -15.32 11.34 0.48
N LYS B 152 -16.51 11.78 0.84
CA LYS B 152 -17.01 13.05 0.40
C LYS B 152 -17.64 13.79 1.58
N ALA B 153 -17.31 15.08 1.65
CA ALA B 153 -17.91 16.05 2.58
C ALA B 153 -18.87 16.86 1.75
N ASP B 154 -20.16 16.71 2.00
CA ASP B 154 -21.19 17.14 1.03
C ASP B 154 -20.87 16.44 -0.32
N SER B 155 -20.46 17.16 -1.36
CA SER B 155 -20.03 16.54 -2.62
C SER B 155 -18.54 16.62 -2.91
N SER B 156 -17.74 17.11 -1.96
CA SER B 156 -16.34 17.35 -2.27
C SER B 156 -15.53 16.17 -1.76
N PRO B 157 -14.60 15.69 -2.60
CA PRO B 157 -13.64 14.70 -2.13
C PRO B 157 -12.90 15.16 -0.87
N VAL B 158 -12.75 14.22 0.05
CA VAL B 158 -11.95 14.42 1.23
C VAL B 158 -10.84 13.38 1.20
N LYS B 159 -9.60 13.82 1.41
CA LYS B 159 -8.43 12.94 1.47
C LYS B 159 -7.79 12.89 2.88
N ALA B 160 -7.86 14.02 3.60
CA ALA B 160 -7.30 14.19 4.94
C ALA B 160 -8.08 13.42 5.99
N GLY B 161 -7.36 12.78 6.91
CA GLY B 161 -7.98 12.00 7.99
C GLY B 161 -8.49 10.62 7.57
N VAL B 162 -8.12 10.15 6.38
CA VAL B 162 -8.57 8.82 5.89
C VAL B 162 -7.52 7.77 6.20
N GLU B 163 -7.94 6.70 6.90
CA GLU B 163 -7.11 5.51 7.13
C GLU B 163 -7.94 4.29 6.68
N THR B 164 -7.39 3.50 5.77
CA THR B 164 -8.08 2.43 5.13
C THR B 164 -7.18 1.24 5.15
N THR B 165 -7.68 0.09 5.61
CA THR B 165 -6.89 -1.13 5.60
C THR B 165 -6.68 -1.67 4.20
N THR B 166 -5.58 -2.40 4.04
CA THR B 166 -5.43 -3.26 2.91
C THR B 166 -6.42 -4.42 3.08
N PRO B 167 -7.12 -4.82 2.03
CA PRO B 167 -8.06 -5.93 2.22
C PRO B 167 -7.43 -7.23 2.64
N SER B 168 -8.06 -7.96 3.54
CA SER B 168 -7.53 -9.29 3.90
C SER B 168 -8.63 -10.34 3.94
N LYS B 169 -8.26 -11.61 3.76
CA LYS B 169 -9.24 -12.70 3.68
C LYS B 169 -9.91 -13.04 4.97
N GLN B 170 -11.23 -13.18 4.92
CA GLN B 170 -12.05 -13.61 6.04
C GLN B 170 -12.03 -15.13 6.05
N SER B 171 -12.69 -15.77 7.02
CA SER B 171 -12.66 -17.27 7.09
C SER B 171 -13.35 -17.92 5.93
N ASN B 172 -14.24 -17.18 5.25
CA ASN B 172 -14.95 -17.71 4.07
C ASN B 172 -14.24 -17.48 2.75
N ASN B 173 -13.08 -16.86 2.77
CA ASN B 173 -12.24 -16.66 1.57
C ASN B 173 -12.61 -15.49 0.67
N LYS B 174 -13.62 -14.73 1.07
CA LYS B 174 -13.82 -13.39 0.53
C LYS B 174 -13.05 -12.40 1.41
N TYR B 175 -13.04 -11.13 1.06
CA TYR B 175 -12.16 -10.17 1.68
C TYR B 175 -12.93 -9.15 2.53
N ALA B 176 -12.26 -8.57 3.52
CA ALA B 176 -12.83 -7.47 4.27
C ALA B 176 -11.88 -6.31 4.34
N ALA B 177 -12.43 -5.13 4.52
CA ALA B 177 -11.66 -3.94 4.66
C ALA B 177 -12.44 -2.93 5.48
N SER B 178 -11.72 -1.96 6.00
CA SER B 178 -12.40 -0.88 6.63
C SER B 178 -11.68 0.41 6.42
N SER B 179 -12.46 1.47 6.36
CA SER B 179 -11.95 2.80 6.18
C SER B 179 -12.52 3.67 7.27
N TYR B 180 -11.68 4.58 7.73
CA TYR B 180 -12.01 5.46 8.84
C TYR B 180 -11.78 6.89 8.38
N LEU B 181 -12.76 7.77 8.60
CA LEU B 181 -12.56 9.18 8.39
C LEU B 181 -12.61 9.91 9.73
N SER B 182 -11.49 10.57 10.07
CA SER B 182 -11.36 11.34 11.25
C SER B 182 -11.71 12.77 10.95
N LEU B 183 -12.60 13.36 11.73
CA LEU B 183 -12.99 14.77 11.62
C LEU B 183 -12.99 15.41 12.98
N THR B 184 -13.05 16.74 13.01
CA THR B 184 -13.38 17.43 14.24
C THR B 184 -14.90 17.44 14.33
N PRO B 185 -15.46 17.40 15.53
CA PRO B 185 -16.88 17.61 15.67
C PRO B 185 -17.44 18.79 14.85
N GLU B 186 -16.71 19.88 14.73
CA GLU B 186 -17.17 21.07 13.99
C GLU B 186 -17.34 20.78 12.48
N GLN B 187 -16.40 20.07 11.89
CA GLN B 187 -16.54 19.59 10.54
C GLN B 187 -17.76 18.68 10.41
N TRP B 188 -17.94 17.76 11.36
CA TRP B 188 -19.08 16.85 11.31
C TRP B 188 -20.39 17.63 11.33
N LYS B 189 -20.52 18.61 12.21
CA LYS B 189 -21.80 19.32 12.43
C LYS B 189 -22.11 20.34 11.34
N SER B 190 -21.07 20.76 10.63
CA SER B 190 -21.16 21.83 9.63
C SER B 190 -21.50 21.39 8.22
N HIS B 191 -21.38 20.11 7.96
CA HIS B 191 -21.71 19.63 6.64
C HIS B 191 -23.10 19.04 6.68
N ARG B 192 -23.77 19.11 5.55
CA ARG B 192 -25.07 18.46 5.43
C ARG B 192 -24.95 16.97 5.49
N SER B 193 -23.87 16.44 4.94
CA SER B 193 -23.63 15.00 4.99
C SER B 193 -22.21 14.64 4.64
N TYR B 194 -21.89 13.40 4.93
CA TYR B 194 -20.63 12.73 4.53
C TYR B 194 -20.97 11.43 3.81
N SER B 195 -20.13 11.04 2.85
CA SER B 195 -20.37 9.79 2.10
C SER B 195 -19.16 8.92 2.02
N CYS B 196 -19.39 7.62 2.11
CA CYS B 196 -18.36 6.61 1.86
C CYS B 196 -18.64 5.90 0.52
N GLN B 197 -17.71 5.97 -0.43
CA GLN B 197 -17.94 5.39 -1.74
C GLN B 197 -16.94 4.26 -1.99
N VAL B 198 -17.45 3.08 -2.26
CA VAL B 198 -16.62 1.92 -2.40
C VAL B 198 -16.74 1.45 -3.82
N THR B 199 -15.62 1.42 -4.54
CA THR B 199 -15.56 0.92 -5.89
C THR B 199 -14.98 -0.49 -5.93
N HIS B 200 -15.69 -1.42 -6.57
CA HIS B 200 -15.25 -2.82 -6.71
C HIS B 200 -15.54 -3.32 -8.10
N GLU B 201 -14.48 -3.65 -8.84
CA GLU B 201 -14.59 -4.18 -10.20
C GLU B 201 -15.48 -3.26 -11.08
N GLY B 202 -15.18 -1.97 -11.03
CA GLY B 202 -15.96 -0.93 -11.72
C GLY B 202 -17.44 -0.72 -11.35
N SER B 203 -17.90 -1.29 -10.22
CA SER B 203 -19.20 -0.95 -9.63
C SER B 203 -19.01 -0.21 -8.31
N THR B 204 -19.95 0.66 -8.00
CA THR B 204 -19.80 1.58 -6.90
C THR B 204 -21.00 1.57 -5.99
N VAL B 205 -20.76 1.53 -4.69
CA VAL B 205 -21.81 1.67 -3.69
C VAL B 205 -21.49 2.92 -2.88
N GLU B 206 -22.44 3.80 -2.71
CA GLU B 206 -22.22 5.00 -1.89
C GLU B 206 -23.29 5.11 -0.81
N LYS B 207 -22.81 5.21 0.43
CA LYS B 207 -23.65 5.40 1.60
C LYS B 207 -23.37 6.79 2.18
N THR B 208 -24.43 7.42 2.65
CA THR B 208 -24.41 8.77 3.12
C THR B 208 -25.02 8.90 4.50
N VAL B 209 -24.34 9.62 5.39
CA VAL B 209 -24.85 9.94 6.72
C VAL B 209 -24.78 11.44 7.00
N ALA B 210 -25.58 11.86 7.98
CA ALA B 210 -25.83 13.25 8.27
C ALA B 210 -25.96 13.41 9.77
N PRO B 211 -25.55 14.57 10.32
CA PRO B 211 -25.72 14.81 11.73
C PRO B 211 -27.18 14.81 12.15
N THR B 212 -27.45 14.25 13.32
CA THR B 212 -28.80 14.18 13.89
C THR B 212 -28.97 15.24 14.97
N LEU C 10 34.45 2.99 -17.85
CA LEU C 10 34.43 4.20 -16.97
C LEU C 10 34.24 5.49 -17.80
N TRP C 11 33.06 5.57 -18.41
CA TRP C 11 32.53 6.76 -19.09
C TRP C 11 31.42 7.29 -18.18
N ASN C 12 30.67 8.31 -18.60
CA ASN C 12 29.54 8.82 -17.79
C ASN C 12 28.15 8.60 -18.40
N TRP C 13 27.37 7.72 -17.76
CA TRP C 13 26.09 7.28 -18.30
C TRP C 13 25.22 8.46 -18.71
N PHE C 14 25.18 9.47 -17.85
CA PHE C 14 24.37 10.66 -18.13
C PHE C 14 24.92 11.37 -19.36
N ASN C 15 26.21 11.70 -19.35
CA ASN C 15 26.83 12.42 -20.45
C ASN C 15 26.72 11.63 -21.76
N ILE C 16 26.98 10.32 -21.68
CA ILE C 16 26.91 9.44 -22.85
C ILE C 16 25.51 9.44 -23.46
N THR C 17 24.49 9.31 -22.62
CA THR C 17 23.09 9.29 -23.08
C THR C 17 22.68 10.62 -23.69
N ASN C 18 23.13 11.72 -23.10
CA ASN C 18 22.99 13.05 -23.72
C ASN C 18 23.74 13.12 -25.05
N TRP C 19 24.98 12.66 -25.04
CA TRP C 19 25.75 12.60 -26.27
C TRP C 19 24.96 11.88 -27.35
N LEU C 20 24.49 10.68 -27.03
CA LEU C 20 23.69 9.91 -28.00
C LEU C 20 22.40 10.62 -28.40
N TRP C 21 21.73 11.25 -27.42
CA TRP C 21 20.52 12.02 -27.70
C TRP C 21 20.86 13.13 -28.69
N TYR C 22 21.89 13.91 -28.39
CA TYR C 22 22.30 14.98 -29.32
C TYR C 22 22.66 14.49 -30.72
N ILE C 23 23.27 13.31 -30.82
CA ILE C 23 23.63 12.74 -32.11
C ILE C 23 22.41 12.30 -32.91
N LYS C 24 21.37 11.82 -32.22
CA LYS C 24 20.12 11.43 -32.88
C LYS C 24 19.39 12.64 -33.45
N LEU C 25 19.41 13.76 -32.73
CA LEU C 25 18.74 14.95 -33.24
C LEU C 25 19.38 15.32 -34.57
N PHE C 26 20.72 15.48 -34.53
CA PHE C 26 21.56 15.75 -35.71
C PHE C 26 21.23 14.86 -36.90
N ILE C 27 21.18 13.55 -36.66
CA ILE C 27 20.86 12.60 -37.73
C ILE C 27 19.45 12.83 -38.27
N MET C 28 18.52 13.16 -37.37
CA MET C 28 17.11 13.38 -37.74
C MET C 28 16.95 14.68 -38.54
N ILE C 29 17.57 15.75 -38.07
CA ILE C 29 17.58 17.01 -38.81
C ILE C 29 18.11 16.81 -40.24
N VAL C 30 19.29 16.19 -40.33
CA VAL C 30 20.00 15.98 -41.61
C VAL C 30 19.28 15.02 -42.56
P PO4 D . -7.19 9.46 21.30
O1 PO4 D . -8.42 8.78 20.74
O2 PO4 D . -7.10 8.97 22.72
O3 PO4 D . -7.34 10.98 21.21
O4 PO4 D . -5.90 9.09 20.60
P PO4 E . -32.89 2.33 9.86
O1 PO4 E . -34.32 2.77 9.77
O2 PO4 E . -32.67 1.13 8.98
O3 PO4 E . -32.58 1.90 11.29
O4 PO4 E . -31.98 3.46 9.43
P PO4 F . -6.84 -14.46 -4.48
O1 PO4 F . -7.76 -13.60 -3.65
O2 PO4 F . -7.66 -15.60 -5.06
O3 PO4 F . -5.83 -15.07 -3.58
O4 PO4 F . -6.13 -13.66 -5.52
P PO4 G . -24.66 7.14 20.67
O1 PO4 G . -25.93 7.24 21.45
O2 PO4 G . -23.49 7.49 21.63
O3 PO4 G . -24.69 8.03 19.44
O4 PO4 G . -24.53 5.73 20.11
P PO4 H . 8.31 5.62 -25.27
O1 PO4 H . 7.40 4.43 -25.05
O2 PO4 H . 9.43 5.64 -24.26
O3 PO4 H . 7.51 6.89 -25.13
O4 PO4 H . 8.85 5.51 -26.68
P PO4 I . -25.14 -3.37 1.39
O1 PO4 I . -26.02 -2.24 1.92
O2 PO4 I . -25.99 -4.07 0.34
O3 PO4 I . -24.79 -4.36 2.53
O4 PO4 I . -23.84 -2.83 0.80
P PO4 J . -24.28 12.90 -2.09
O1 PO4 J . -25.01 12.40 -0.85
O2 PO4 J . -24.64 12.01 -3.29
O3 PO4 J . -24.69 14.34 -2.28
O4 PO4 J . -22.76 12.86 -1.91
#